data_6GQK
#
_entry.id   6GQK
#
_cell.length_a   88.190
_cell.length_b   91.650
_cell.length_c   92.030
_cell.angle_alpha   90.00
_cell.angle_beta   90.00
_cell.angle_gamma   90.00
#
_symmetry.space_group_name_H-M   'P 21 21 21'
#
loop_
_entity.id
_entity.type
_entity.pdbx_description
1 polymer 'Mast/stem cell growth factor receptor Kit'
2 non-polymer ~{N}-[4-(6,7-dimethoxyquinazolin-4-yl)oxyphenyl]-2-(1-ethylpyrazol-4-yl)ethanamide
3 water water
#
_entity_poly.entity_id   1
_entity_poly.type   'polypeptide(L)'
_entity_poly.pdbx_seq_one_letter_code
;GSHMPMYEVQWKVVEESNGNNYSYIDPTQLPYDHKWEFPRNRLSFGKTLGAGAFGKVVEATAQGLIKSDAAMTVAVKMLK
PSAHSTEREALMSELKVLSYLGNHENIVNLLGACTHGGPTLVITEYCCYGDLLNFLRRKRDEFVPYKVAPEDLYKDFLTL
EHLLSFSYQVAKGMAFLASKNCIHRDLAARNILLTHGNITKICDFGLARDIKNDSNYVDKGNARLPVKWMAPESIFNSVY
TFESDVWSYGIFLWELFSLGSSPYPGMPVDSKFYKMIKEGFRMSSPEYAPAEMYDIMKTCWDADPDKRPTFKQIVQDIEK
QISESTNH
;
_entity_poly.pdbx_strand_id   A,B
#
loop_
_chem_comp.id
_chem_comp.type
_chem_comp.name
_chem_comp.formula
F88 non-polymer ~{N}-[4-(6,7-dimethoxyquinazolin-4-yl)oxyphenyl]-2-(1-ethylpyrazol-4-yl)ethanamide 'C23 H23 N5 O4'
#
# COMPACT_ATOMS: atom_id res chain seq x y z
N ASN A 21 1.25 -33.13 9.14
CA ASN A 21 1.20 -31.79 8.53
C ASN A 21 1.98 -30.74 9.32
N TYR A 22 2.10 -30.93 10.66
CA TYR A 22 2.84 -30.03 11.57
C TYR A 22 3.66 -30.91 12.52
N SER A 23 4.99 -30.68 12.51
CA SER A 23 6.02 -31.47 13.18
C SER A 23 6.07 -31.42 14.72
N TYR A 24 6.27 -30.25 15.34
CA TYR A 24 6.41 -30.16 16.80
C TYR A 24 5.08 -29.96 17.51
N ILE A 25 4.24 -29.11 16.94
CA ILE A 25 2.94 -28.83 17.52
C ILE A 25 1.83 -29.53 16.73
N ASP A 26 0.78 -29.94 17.42
CA ASP A 26 -0.41 -30.49 16.77
C ASP A 26 -1.43 -29.32 16.77
N PRO A 27 -1.75 -28.75 15.58
CA PRO A 27 -2.67 -27.59 15.53
C PRO A 27 -4.11 -27.89 15.90
N THR A 28 -4.53 -29.17 15.79
CA THR A 28 -5.89 -29.58 16.15
C THR A 28 -6.13 -29.39 17.67
N GLN A 29 -5.06 -29.49 18.49
CA GLN A 29 -5.12 -29.30 19.94
C GLN A 29 -5.07 -27.82 20.37
N LEU A 30 -4.72 -26.91 19.43
CA LEU A 30 -4.66 -25.46 19.71
C LEU A 30 -6.06 -24.86 19.87
N PRO A 31 -6.26 -23.93 20.84
CA PRO A 31 -7.61 -23.34 21.00
C PRO A 31 -7.91 -22.23 20.00
N TYR A 32 -9.21 -21.93 19.79
CA TYR A 32 -9.65 -20.82 18.96
C TYR A 32 -10.35 -19.78 19.84
N ASP A 33 -9.73 -18.60 19.99
CA ASP A 33 -10.26 -17.49 20.78
C ASP A 33 -11.45 -16.84 20.06
N HIS A 34 -12.64 -16.92 20.66
CA HIS A 34 -13.87 -16.38 20.07
C HIS A 34 -13.93 -14.83 20.01
N LYS A 35 -12.84 -14.14 20.44
CA LYS A 35 -12.72 -12.69 20.34
C LYS A 35 -12.52 -12.28 18.84
N TRP A 36 -12.07 -13.22 18.00
CA TRP A 36 -11.83 -13.03 16.57
C TRP A 36 -13.13 -13.12 15.74
N GLU A 37 -14.22 -13.68 16.30
CA GLU A 37 -15.48 -13.83 15.58
C GLU A 37 -16.01 -12.51 15.03
N PHE A 38 -16.28 -12.48 13.70
CA PHE A 38 -16.78 -11.31 12.98
C PHE A 38 -18.06 -11.70 12.20
N PRO A 39 -19.11 -10.83 12.11
CA PRO A 39 -20.33 -11.21 11.35
C PRO A 39 -20.08 -11.24 9.84
N ARG A 40 -20.38 -12.37 9.19
CA ARG A 40 -20.13 -12.57 7.75
C ARG A 40 -20.97 -11.65 6.83
N ASN A 41 -22.11 -11.17 7.32
CA ASN A 41 -22.99 -10.26 6.60
C ASN A 41 -22.40 -8.84 6.49
N ARG A 42 -21.29 -8.57 7.22
CA ARG A 42 -20.59 -7.29 7.19
C ARG A 42 -19.36 -7.31 6.24
N LEU A 43 -19.25 -8.39 5.44
CA LEU A 43 -18.21 -8.57 4.43
C LEU A 43 -18.81 -8.46 3.02
N SER A 44 -18.17 -7.67 2.16
CA SER A 44 -18.56 -7.48 0.77
C SER A 44 -17.39 -7.92 -0.09
N PHE A 45 -17.57 -9.01 -0.86
CA PHE A 45 -16.50 -9.60 -1.68
C PHE A 45 -16.27 -8.92 -3.01
N GLY A 46 -15.00 -8.84 -3.39
CA GLY A 46 -14.54 -8.29 -4.66
C GLY A 46 -13.82 -9.33 -5.50
N LYS A 47 -12.77 -8.93 -6.22
CA LYS A 47 -12.00 -9.82 -7.09
C LYS A 47 -11.26 -10.94 -6.34
N THR A 48 -11.02 -12.04 -7.06
CA THR A 48 -10.26 -13.19 -6.57
C THR A 48 -8.80 -12.85 -6.80
N LEU A 49 -8.00 -12.92 -5.73
CA LEU A 49 -6.56 -12.61 -5.77
C LEU A 49 -5.72 -13.82 -6.20
N GLY A 50 -6.13 -15.01 -5.76
CA GLY A 50 -5.47 -16.28 -6.06
C GLY A 50 -6.40 -17.44 -5.76
N ALA A 51 -6.27 -18.55 -6.52
CA ALA A 51 -7.09 -19.74 -6.33
C ALA A 51 -6.38 -21.04 -6.71
N GLY A 52 -6.63 -22.06 -5.91
CA GLY A 52 -6.13 -23.41 -6.11
C GLY A 52 -7.28 -24.33 -6.46
N ALA A 53 -7.05 -25.65 -6.37
CA ALA A 53 -8.05 -26.67 -6.68
C ALA A 53 -9.23 -26.66 -5.70
N PHE A 54 -8.94 -26.40 -4.40
CA PHE A 54 -9.92 -26.47 -3.32
C PHE A 54 -10.14 -25.18 -2.53
N GLY A 55 -9.29 -24.17 -2.73
CA GLY A 55 -9.40 -22.91 -2.01
C GLY A 55 -9.14 -21.67 -2.83
N LYS A 56 -9.42 -20.50 -2.23
CA LYS A 56 -9.19 -19.19 -2.84
C LYS A 56 -9.03 -18.06 -1.83
N VAL A 57 -8.31 -16.99 -2.24
CA VAL A 57 -8.13 -15.75 -1.47
C VAL A 57 -8.84 -14.65 -2.26
N VAL A 58 -9.76 -13.92 -1.60
CA VAL A 58 -10.57 -12.87 -2.22
C VAL A 58 -10.36 -11.51 -1.52
N GLU A 59 -10.36 -10.40 -2.29
CA GLU A 59 -10.29 -9.03 -1.78
C GLU A 59 -11.68 -8.68 -1.23
N ALA A 60 -11.76 -8.11 -0.02
CA ALA A 60 -13.05 -7.75 0.58
C ALA A 60 -13.04 -6.42 1.33
N THR A 61 -14.23 -5.90 1.61
CA THR A 61 -14.46 -4.70 2.41
C THR A 61 -15.15 -5.17 3.70
N ALA A 62 -14.56 -4.85 4.85
CA ALA A 62 -15.12 -5.19 6.15
C ALA A 62 -15.67 -3.92 6.80
N GLN A 63 -16.98 -3.95 7.13
CA GLN A 63 -17.69 -2.84 7.78
C GLN A 63 -17.76 -3.07 9.29
N GLY A 64 -17.43 -2.04 10.07
CA GLY A 64 -17.47 -2.12 11.52
C GLY A 64 -16.35 -2.91 12.17
N LEU A 65 -15.18 -3.00 11.51
CA LEU A 65 -13.99 -3.67 12.01
C LEU A 65 -13.13 -2.62 12.75
N ILE A 66 -13.21 -1.35 12.29
CA ILE A 66 -12.55 -0.18 12.87
C ILE A 66 -13.53 0.41 13.92
N LYS A 67 -13.01 0.96 15.04
CA LYS A 67 -13.78 1.56 16.14
C LYS A 67 -14.79 2.62 15.65
N SER A 68 -14.34 3.52 14.73
CA SER A 68 -15.20 4.50 14.06
C SER A 68 -15.88 3.73 12.91
N ASP A 69 -16.99 4.22 12.36
CA ASP A 69 -17.69 3.43 11.33
C ASP A 69 -17.02 3.40 9.93
N ALA A 70 -15.69 3.59 9.90
CA ALA A 70 -14.90 3.55 8.66
C ALA A 70 -14.66 2.12 8.18
N ALA A 71 -14.84 1.89 6.86
CA ALA A 71 -14.67 0.59 6.20
C ALA A 71 -13.19 0.35 5.90
N MET A 72 -12.79 -0.93 5.75
CA MET A 72 -11.42 -1.25 5.41
C MET A 72 -11.33 -2.48 4.53
N THR A 73 -10.30 -2.51 3.66
CA THR A 73 -9.99 -3.58 2.73
C THR A 73 -9.22 -4.66 3.50
N VAL A 74 -9.64 -5.92 3.28
CA VAL A 74 -9.07 -7.12 3.90
C VAL A 74 -8.90 -8.20 2.82
N ALA A 75 -8.17 -9.28 3.17
CA ALA A 75 -8.01 -10.46 2.33
C ALA A 75 -8.82 -11.57 3.03
N VAL A 76 -9.59 -12.37 2.27
CA VAL A 76 -10.39 -13.44 2.88
C VAL A 76 -10.09 -14.79 2.22
N LYS A 77 -9.64 -15.77 3.03
CA LYS A 77 -9.37 -17.14 2.58
C LYS A 77 -10.60 -18.02 2.87
N MET A 78 -11.06 -18.76 1.85
CA MET A 78 -12.22 -19.65 1.92
C MET A 78 -12.04 -20.87 1.05
N LEU A 79 -12.87 -21.89 1.26
CA LEU A 79 -12.84 -23.09 0.43
C LEU A 79 -13.85 -23.03 -0.71
N LYS A 80 -13.58 -23.79 -1.77
CA LYS A 80 -14.46 -23.92 -2.95
C LYS A 80 -15.39 -25.15 -2.70
N PRO A 81 -16.55 -25.29 -3.38
CA PRO A 81 -17.39 -26.50 -3.17
C PRO A 81 -16.72 -27.84 -3.57
N SER A 82 -15.52 -27.78 -4.19
CA SER A 82 -14.69 -28.93 -4.59
C SER A 82 -13.96 -29.57 -3.39
N ALA A 83 -13.80 -28.81 -2.26
CA ALA A 83 -13.12 -29.24 -1.04
C ALA A 83 -13.76 -30.43 -0.32
N HIS A 84 -12.91 -31.26 0.30
CA HIS A 84 -13.34 -32.42 1.09
C HIS A 84 -13.03 -32.18 2.60
N SER A 85 -13.25 -33.20 3.44
CA SER A 85 -13.06 -33.17 4.89
C SER A 85 -11.65 -32.73 5.29
N THR A 86 -10.62 -33.24 4.58
CA THR A 86 -9.20 -32.96 4.76
C THR A 86 -8.91 -31.44 4.65
N GLU A 87 -9.49 -30.78 3.65
CA GLU A 87 -9.30 -29.35 3.39
C GLU A 87 -10.02 -28.51 4.44
N ARG A 88 -11.23 -28.95 4.88
CA ARG A 88 -12.03 -28.28 5.90
C ARG A 88 -11.28 -28.22 7.24
N GLU A 89 -10.64 -29.33 7.59
CA GLU A 89 -9.81 -29.50 8.76
C GLU A 89 -8.58 -28.60 8.66
N ALA A 90 -7.90 -28.61 7.48
CA ALA A 90 -6.67 -27.81 7.26
C ALA A 90 -6.89 -26.31 7.39
N LEU A 91 -8.04 -25.78 6.92
CA LEU A 91 -8.36 -24.35 7.03
C LEU A 91 -8.63 -23.97 8.52
N MET A 92 -9.33 -24.86 9.25
CA MET A 92 -9.58 -24.67 10.68
C MET A 92 -8.25 -24.70 11.46
N SER A 93 -7.32 -25.61 11.10
CA SER A 93 -5.98 -25.70 11.71
C SER A 93 -5.13 -24.45 11.45
N GLU A 94 -5.25 -23.84 10.26
CA GLU A 94 -4.54 -22.60 9.90
C GLU A 94 -5.03 -21.47 10.82
N LEU A 95 -6.36 -21.39 11.03
CA LEU A 95 -7.00 -20.39 11.88
C LEU A 95 -6.49 -20.48 13.33
N LYS A 96 -6.36 -21.71 13.86
CA LYS A 96 -5.85 -21.95 15.22
C LYS A 96 -4.40 -21.49 15.34
N VAL A 97 -3.54 -21.81 14.35
CA VAL A 97 -2.13 -21.39 14.31
C VAL A 97 -2.02 -19.86 14.31
N LEU A 98 -2.79 -19.17 13.44
CA LEU A 98 -2.79 -17.71 13.36
C LEU A 98 -3.24 -17.05 14.67
N SER A 99 -4.29 -17.61 15.31
CA SER A 99 -4.80 -17.15 16.61
C SER A 99 -3.73 -17.37 17.71
N TYR A 100 -3.06 -18.54 17.69
CA TYR A 100 -2.00 -18.91 18.63
C TYR A 100 -0.74 -18.02 18.49
N LEU A 101 -0.34 -17.68 17.25
CA LEU A 101 0.85 -16.87 16.99
C LEU A 101 0.80 -15.44 17.54
N GLY A 102 -0.36 -14.79 17.42
CA GLY A 102 -0.53 -13.40 17.79
C GLY A 102 0.06 -12.48 16.73
N ASN A 103 0.13 -11.20 16.98
CA ASN A 103 0.64 -10.24 16.01
C ASN A 103 2.16 -10.18 15.96
N HIS A 104 2.70 -10.15 14.75
CA HIS A 104 4.11 -9.92 14.48
C HIS A 104 4.16 -9.08 13.22
N GLU A 105 4.99 -8.03 13.26
CA GLU A 105 5.21 -7.10 12.16
C GLU A 105 5.63 -7.77 10.83
N ASN A 106 6.40 -8.88 10.89
CA ASN A 106 6.93 -9.56 9.70
C ASN A 106 6.18 -10.81 9.29
N ILE A 107 4.99 -10.99 9.86
CA ILE A 107 4.10 -12.10 9.50
C ILE A 107 2.75 -11.50 9.11
N VAL A 108 2.05 -12.08 8.10
CA VAL A 108 0.68 -11.68 7.72
C VAL A 108 -0.21 -11.93 8.99
N ASN A 109 -0.91 -10.89 9.46
CA ASN A 109 -1.70 -10.97 10.69
C ASN A 109 -3.20 -11.25 10.51
N LEU A 110 -3.74 -12.02 11.47
CA LEU A 110 -5.16 -12.36 11.62
C LEU A 110 -5.92 -11.12 12.08
N LEU A 111 -7.08 -10.85 11.46
CA LEU A 111 -7.94 -9.71 11.81
C LEU A 111 -9.28 -10.16 12.37
N GLY A 112 -9.74 -11.34 11.93
CA GLY A 112 -11.00 -11.93 12.35
C GLY A 112 -11.29 -13.24 11.65
N ALA A 113 -12.44 -13.84 12.00
CA ALA A 113 -12.87 -15.11 11.40
C ALA A 113 -14.38 -15.28 11.46
N CYS A 114 -14.92 -16.14 10.56
CA CYS A 114 -16.35 -16.47 10.53
C CYS A 114 -16.42 -17.99 10.63
N THR A 115 -16.83 -18.50 11.81
CA THR A 115 -16.94 -19.94 12.08
C THR A 115 -18.40 -20.39 12.28
N HIS A 116 -19.33 -19.47 12.56
CA HIS A 116 -20.73 -19.85 12.77
C HIS A 116 -21.63 -19.43 11.62
N GLY A 117 -22.65 -20.26 11.34
CA GLY A 117 -23.67 -20.03 10.32
C GLY A 117 -23.21 -20.04 8.88
N GLY A 118 -22.27 -20.93 8.57
CA GLY A 118 -21.75 -21.10 7.21
C GLY A 118 -20.34 -21.64 7.12
N PRO A 119 -19.77 -21.74 5.89
CA PRO A 119 -18.36 -22.20 5.74
C PRO A 119 -17.37 -21.28 6.45
N THR A 120 -16.23 -21.84 6.91
CA THR A 120 -15.24 -21.05 7.64
C THR A 120 -14.50 -20.04 6.73
N LEU A 121 -14.41 -18.80 7.20
CA LEU A 121 -13.75 -17.66 6.50
C LEU A 121 -12.64 -17.13 7.41
N VAL A 122 -11.43 -16.99 6.87
CA VAL A 122 -10.29 -16.48 7.61
C VAL A 122 -9.94 -15.09 7.05
N ILE A 123 -9.97 -14.07 7.91
CA ILE A 123 -9.74 -12.66 7.55
C ILE A 123 -8.35 -12.18 7.98
N THR A 124 -7.50 -11.84 7.01
CA THR A 124 -6.13 -11.39 7.23
C THR A 124 -5.91 -10.01 6.60
N GLU A 125 -4.78 -9.38 6.90
CA GLU A 125 -4.48 -8.03 6.42
C GLU A 125 -4.12 -7.97 4.92
N TYR A 126 -4.59 -6.93 4.27
CA TYR A 126 -4.35 -6.72 2.86
C TYR A 126 -2.94 -6.11 2.65
N CYS A 127 -2.14 -6.67 1.74
CA CYS A 127 -0.78 -6.18 1.39
C CYS A 127 -0.81 -5.64 -0.04
N CYS A 128 -0.74 -4.30 -0.15
CA CYS A 128 -0.92 -3.49 -1.36
C CYS A 128 -0.02 -3.84 -2.56
N TYR A 129 1.19 -4.36 -2.37
CA TYR A 129 2.06 -4.66 -3.52
C TYR A 129 2.08 -6.14 -3.95
N GLY A 130 1.27 -6.99 -3.33
CA GLY A 130 1.19 -8.42 -3.68
C GLY A 130 2.41 -9.24 -3.29
N ASP A 131 2.63 -10.41 -3.95
CA ASP A 131 3.80 -11.28 -3.65
C ASP A 131 5.15 -10.70 -4.12
N LEU A 132 6.21 -11.00 -3.34
CA LEU A 132 7.58 -10.53 -3.57
C LEU A 132 8.20 -11.03 -4.89
N LEU A 133 7.90 -12.27 -5.30
CA LEU A 133 8.44 -12.84 -6.54
C LEU A 133 8.07 -11.99 -7.77
N ASN A 134 6.76 -11.69 -7.95
CA ASN A 134 6.29 -10.84 -9.05
C ASN A 134 6.79 -9.41 -8.98
N PHE A 135 6.91 -8.85 -7.76
CA PHE A 135 7.45 -7.50 -7.54
C PHE A 135 8.90 -7.42 -8.07
N LEU A 136 9.78 -8.38 -7.65
CA LEU A 136 11.19 -8.45 -8.10
C LEU A 136 11.30 -8.55 -9.63
N ARG A 137 10.43 -9.38 -10.23
CA ARG A 137 10.37 -9.58 -11.68
C ARG A 137 9.98 -8.30 -12.43
N ARG A 138 9.04 -7.49 -11.88
CA ARG A 138 8.62 -6.21 -12.47
C ARG A 138 9.70 -5.13 -12.32
N LYS A 139 10.50 -5.18 -11.24
CA LYS A 139 11.53 -4.19 -10.92
C LYS A 139 12.90 -4.48 -11.49
N ARG A 140 13.04 -5.65 -12.15
CA ARG A 140 14.28 -6.16 -12.75
C ARG A 140 15.04 -5.16 -13.62
N ASP A 141 14.32 -4.40 -14.46
CA ASP A 141 14.98 -3.44 -15.33
C ASP A 141 15.07 -2.03 -14.72
N GLU A 142 14.60 -1.86 -13.46
CA GLU A 142 14.67 -0.61 -12.71
C GLU A 142 15.47 -0.82 -11.40
N PHE A 143 16.53 -1.63 -11.47
CA PHE A 143 17.38 -1.92 -10.32
C PHE A 143 18.67 -1.12 -10.36
N VAL A 144 19.04 -0.55 -9.21
CA VAL A 144 20.23 0.28 -9.04
C VAL A 144 21.09 -0.34 -7.93
N PRO A 145 22.30 -0.87 -8.22
CA PRO A 145 23.10 -1.47 -7.14
C PRO A 145 23.61 -0.42 -6.15
N TYR A 146 23.96 0.76 -6.70
CA TYR A 146 24.49 1.92 -6.00
C TYR A 146 23.38 2.77 -5.33
N LYS A 147 23.53 4.11 -5.35
CA LYS A 147 22.60 5.07 -4.73
C LYS A 147 21.62 5.70 -5.72
N VAL A 148 20.37 5.91 -5.27
CA VAL A 148 19.30 6.52 -6.06
C VAL A 148 19.48 8.06 -6.16
N ALA A 149 19.13 8.64 -7.33
CA ALA A 149 19.21 10.07 -7.60
C ALA A 149 18.12 10.84 -6.81
N PRO A 150 18.39 12.08 -6.33
CA PRO A 150 17.34 12.82 -5.59
C PRO A 150 16.13 13.21 -6.43
N GLU A 151 16.34 13.49 -7.73
CA GLU A 151 15.29 13.84 -8.70
C GLU A 151 14.52 12.62 -9.21
N ASP A 152 15.22 11.47 -9.40
CA ASP A 152 14.64 10.20 -9.86
C ASP A 152 14.07 9.35 -8.70
N LEU A 153 13.90 9.97 -7.51
CA LEU A 153 13.38 9.33 -6.30
C LEU A 153 11.89 8.97 -6.40
N TYR A 154 11.12 9.74 -7.22
CA TYR A 154 9.69 9.54 -7.45
C TYR A 154 9.39 8.26 -8.25
N LYS A 155 10.35 7.84 -9.11
CA LYS A 155 10.27 6.67 -10.00
C LYS A 155 10.18 5.34 -9.26
N ASP A 156 10.65 5.29 -7.99
CA ASP A 156 10.67 4.11 -7.13
C ASP A 156 11.64 3.02 -7.66
N PHE A 157 12.95 3.36 -7.71
CA PHE A 157 13.98 2.43 -8.13
C PHE A 157 14.33 1.51 -6.97
N LEU A 158 14.46 0.20 -7.25
CA LEU A 158 14.86 -0.81 -6.28
C LEU A 158 16.39 -0.79 -6.19
N THR A 159 16.94 -0.83 -4.95
CA THR A 159 18.38 -0.83 -4.66
C THR A 159 18.82 -2.04 -3.84
N LEU A 160 20.14 -2.20 -3.65
CA LEU A 160 20.77 -3.26 -2.85
C LEU A 160 20.36 -3.13 -1.36
N GLU A 161 20.18 -1.87 -0.90
CA GLU A 161 19.71 -1.49 0.43
C GLU A 161 18.33 -2.11 0.72
N HIS A 162 17.42 -2.11 -0.29
CA HIS A 162 16.10 -2.73 -0.18
C HIS A 162 16.22 -4.25 -0.06
N LEU A 163 17.12 -4.86 -0.88
CA LEU A 163 17.32 -6.33 -0.88
C LEU A 163 17.87 -6.80 0.46
N LEU A 164 18.83 -6.07 1.05
CA LEU A 164 19.37 -6.39 2.38
C LEU A 164 18.31 -6.26 3.46
N SER A 165 17.43 -5.23 3.37
CA SER A 165 16.33 -5.01 4.31
C SER A 165 15.29 -6.16 4.25
N PHE A 166 14.92 -6.60 3.02
CA PHE A 166 14.00 -7.73 2.82
C PHE A 166 14.57 -9.04 3.42
N SER A 167 15.90 -9.30 3.25
CA SER A 167 16.58 -10.50 3.79
C SER A 167 16.52 -10.50 5.33
N TYR A 168 16.73 -9.31 5.93
CA TYR A 168 16.69 -9.08 7.37
C TYR A 168 15.27 -9.32 7.94
N GLN A 169 14.24 -8.70 7.31
CA GLN A 169 12.83 -8.84 7.74
C GLN A 169 12.33 -10.27 7.65
N VAL A 170 12.73 -11.02 6.61
CA VAL A 170 12.28 -12.41 6.46
C VAL A 170 12.98 -13.31 7.52
N ALA A 171 14.26 -13.06 7.81
CA ALA A 171 14.97 -13.82 8.84
C ALA A 171 14.33 -13.58 10.24
N LYS A 172 13.93 -12.33 10.50
CA LYS A 172 13.29 -11.89 11.74
C LYS A 172 11.94 -12.59 11.95
N GLY A 173 11.10 -12.60 10.93
CA GLY A 173 9.82 -13.29 10.96
C GLY A 173 9.97 -14.78 11.15
N MET A 174 11.02 -15.37 10.54
CA MET A 174 11.29 -16.82 10.64
C MET A 174 11.79 -17.19 12.03
N ALA A 175 12.64 -16.32 12.67
CA ALA A 175 13.15 -16.48 14.04
C ALA A 175 11.97 -16.50 15.03
N PHE A 176 10.95 -15.64 14.77
CA PHE A 176 9.75 -15.60 15.58
C PHE A 176 8.95 -16.92 15.44
N LEU A 177 8.74 -17.40 14.20
CA LEU A 177 8.02 -18.66 13.91
C LEU A 177 8.65 -19.85 14.65
N ALA A 178 9.99 -19.95 14.62
CA ALA A 178 10.77 -21.00 15.26
C ALA A 178 10.66 -20.94 16.80
N SER A 179 10.60 -19.71 17.37
CA SER A 179 10.48 -19.52 18.82
C SER A 179 9.11 -19.99 19.33
N LYS A 180 8.13 -20.12 18.41
CA LYS A 180 6.76 -20.58 18.68
C LYS A 180 6.58 -22.05 18.27
N ASN A 181 7.69 -22.74 17.93
CA ASN A 181 7.76 -24.15 17.52
C ASN A 181 7.00 -24.44 16.23
N CYS A 182 6.98 -23.45 15.31
CA CYS A 182 6.32 -23.52 14.02
C CYS A 182 7.31 -23.68 12.89
N ILE A 183 7.01 -24.62 11.98
CA ILE A 183 7.79 -24.92 10.77
C ILE A 183 6.90 -24.55 9.57
N HIS A 184 7.44 -23.75 8.64
CA HIS A 184 6.71 -23.24 7.50
C HIS A 184 6.45 -24.32 6.42
N ARG A 185 7.52 -25.02 6.00
CA ARG A 185 7.54 -26.12 5.01
C ARG A 185 7.48 -25.66 3.53
N ASP A 186 7.19 -24.39 3.26
CA ASP A 186 7.11 -23.85 1.89
C ASP A 186 7.64 -22.40 1.79
N LEU A 187 8.78 -22.13 2.46
CA LEU A 187 9.40 -20.79 2.42
C LEU A 187 10.01 -20.57 1.03
N ALA A 188 9.59 -19.46 0.37
CA ALA A 188 9.98 -19.04 -0.97
C ALA A 188 9.49 -17.62 -1.22
N ALA A 189 10.05 -16.92 -2.22
CA ALA A 189 9.64 -15.54 -2.57
C ALA A 189 8.14 -15.42 -2.93
N ARG A 190 7.54 -16.50 -3.47
CA ARG A 190 6.11 -16.56 -3.82
C ARG A 190 5.23 -16.54 -2.55
N ASN A 191 5.80 -16.87 -1.36
CA ASN A 191 5.09 -16.89 -0.07
C ASN A 191 5.52 -15.76 0.87
N ILE A 192 5.93 -14.63 0.28
CA ILE A 192 6.30 -13.40 1.00
C ILE A 192 5.48 -12.30 0.33
N LEU A 193 4.78 -11.49 1.12
CA LEU A 193 3.99 -10.37 0.61
C LEU A 193 4.67 -9.05 0.92
N LEU A 194 4.40 -8.02 0.10
CA LEU A 194 4.99 -6.70 0.28
C LEU A 194 3.89 -5.66 0.51
N THR A 195 4.03 -4.90 1.61
CA THR A 195 3.08 -3.86 1.96
C THR A 195 3.80 -2.47 1.95
N HIS A 196 3.23 -1.45 2.61
CA HIS A 196 3.79 -0.08 2.67
C HIS A 196 5.15 -0.02 3.41
N GLY A 197 5.90 1.08 3.19
CA GLY A 197 7.18 1.37 3.82
C GLY A 197 8.23 0.28 3.66
N ASN A 198 8.18 -0.45 2.51
CA ASN A 198 9.03 -1.58 2.16
C ASN A 198 9.01 -2.69 3.23
N ILE A 199 7.81 -2.96 3.77
CA ILE A 199 7.63 -4.01 4.78
C ILE A 199 7.22 -5.33 4.09
N THR A 200 7.97 -6.41 4.38
CA THR A 200 7.70 -7.76 3.89
C THR A 200 6.99 -8.58 4.97
N LYS A 201 6.09 -9.46 4.56
CA LYS A 201 5.34 -10.30 5.50
C LYS A 201 5.34 -11.74 5.05
N ILE A 202 5.84 -12.66 5.86
CA ILE A 202 5.79 -14.10 5.57
C ILE A 202 4.31 -14.54 5.52
N CYS A 203 3.95 -15.31 4.49
CA CYS A 203 2.61 -15.82 4.32
C CYS A 203 2.65 -17.28 3.86
N ASP A 204 1.47 -17.88 3.65
CA ASP A 204 1.29 -19.21 3.11
C ASP A 204 -0.05 -19.25 2.36
N PHE A 205 0.02 -19.18 1.01
CA PHE A 205 -1.16 -19.23 0.13
C PHE A 205 -1.88 -20.58 0.30
N GLY A 206 -1.10 -21.63 0.57
CA GLY A 206 -1.58 -22.99 0.80
C GLY A 206 -2.55 -23.48 -0.26
N LEU A 207 -3.78 -23.75 0.14
CA LEU A 207 -4.87 -24.24 -0.71
C LEU A 207 -5.32 -23.23 -1.79
N ALA A 208 -4.96 -21.95 -1.63
CA ALA A 208 -5.30 -20.88 -2.57
C ALA A 208 -4.22 -20.69 -3.68
N ARG A 209 -3.30 -21.65 -3.83
CA ARG A 209 -2.32 -21.67 -4.91
C ARG A 209 -2.60 -22.85 -5.86
N ASP A 210 -2.59 -22.59 -7.18
CA ASP A 210 -2.78 -23.62 -8.21
C ASP A 210 -1.42 -24.33 -8.43
N ILE A 211 -1.11 -25.30 -7.56
CA ILE A 211 0.14 -26.05 -7.60
C ILE A 211 0.27 -26.98 -8.81
N LYS A 212 -0.88 -27.44 -9.38
CA LYS A 212 -0.92 -28.33 -10.55
C LYS A 212 -0.37 -27.65 -11.81
N ASN A 213 -0.63 -26.34 -11.97
CA ASN A 213 -0.18 -25.57 -13.14
C ASN A 213 1.05 -24.70 -12.88
N ASP A 214 1.66 -24.79 -11.68
CA ASP A 214 2.89 -24.08 -11.34
C ASP A 214 4.06 -25.04 -11.52
N SER A 215 4.96 -24.74 -12.47
CA SER A 215 6.14 -25.57 -12.77
C SER A 215 7.19 -25.64 -11.62
N ASN A 216 7.05 -24.76 -10.60
CA ASN A 216 7.94 -24.75 -9.43
C ASN A 216 7.59 -25.89 -8.43
N TYR A 217 6.46 -26.59 -8.66
CA TYR A 217 6.00 -27.75 -7.89
C TYR A 217 6.11 -28.97 -8.81
N VAL A 218 6.73 -30.04 -8.32
CA VAL A 218 7.05 -31.24 -9.10
C VAL A 218 6.30 -32.46 -8.57
N ASP A 219 5.85 -33.33 -9.49
CA ASP A 219 5.20 -34.59 -9.12
C ASP A 219 6.28 -35.52 -8.59
N LYS A 220 6.14 -35.96 -7.33
CA LYS A 220 7.05 -36.87 -6.63
C LYS A 220 6.18 -37.77 -5.77
N GLY A 221 6.00 -39.00 -6.24
CA GLY A 221 5.11 -39.97 -5.61
C GLY A 221 3.66 -39.57 -5.83
N ASN A 222 2.90 -39.52 -4.73
CA ASN A 222 1.48 -39.15 -4.72
C ASN A 222 1.31 -37.64 -4.47
N ALA A 223 2.42 -36.87 -4.41
CA ALA A 223 2.40 -35.44 -4.10
C ALA A 223 3.01 -34.54 -5.18
N ARG A 224 2.71 -33.24 -5.07
CA ARG A 224 3.21 -32.19 -5.95
C ARG A 224 3.98 -31.23 -5.01
N LEU A 225 5.32 -31.36 -4.98
CA LEU A 225 6.18 -30.70 -4.02
C LEU A 225 7.17 -29.65 -4.58
N PRO A 226 7.56 -28.62 -3.78
CA PRO A 226 8.54 -27.63 -4.28
C PRO A 226 10.01 -28.09 -4.09
N VAL A 227 10.39 -29.15 -4.81
CA VAL A 227 11.68 -29.86 -4.72
C VAL A 227 12.92 -28.94 -4.73
N LYS A 228 12.97 -27.90 -5.61
CA LYS A 228 14.14 -27.00 -5.70
C LYS A 228 14.39 -26.14 -4.45
N TRP A 229 13.41 -26.07 -3.54
CA TRP A 229 13.54 -25.31 -2.28
C TRP A 229 13.76 -26.25 -1.08
N MET A 230 13.69 -27.57 -1.31
CA MET A 230 13.70 -28.57 -0.25
C MET A 230 15.07 -29.11 0.14
N ALA A 231 15.29 -29.19 1.48
CA ALA A 231 16.49 -29.76 2.09
C ALA A 231 16.56 -31.27 1.71
N PRO A 232 17.76 -31.91 1.66
CA PRO A 232 17.83 -33.35 1.30
C PRO A 232 17.03 -34.27 2.22
N GLU A 233 17.04 -34.01 3.53
CA GLU A 233 16.30 -34.83 4.50
C GLU A 233 14.77 -34.75 4.29
N SER A 234 14.25 -33.65 3.69
CA SER A 234 12.81 -33.54 3.40
C SER A 234 12.47 -34.33 2.13
N ILE A 235 13.37 -34.26 1.09
CA ILE A 235 13.22 -34.97 -0.18
C ILE A 235 13.28 -36.49 0.02
N PHE A 236 14.36 -36.99 0.64
CA PHE A 236 14.61 -38.43 0.78
C PHE A 236 14.03 -39.08 2.06
N ASN A 237 13.61 -38.30 3.07
CA ASN A 237 13.11 -38.88 4.32
C ASN A 237 11.78 -38.30 4.85
N SER A 238 11.20 -37.31 4.12
CA SER A 238 9.97 -36.62 4.51
C SER A 238 10.05 -35.97 5.90
N VAL A 239 11.27 -35.56 6.32
CA VAL A 239 11.44 -34.90 7.62
C VAL A 239 11.49 -33.37 7.44
N TYR A 240 10.67 -32.65 8.21
CA TYR A 240 10.61 -31.19 8.20
C TYR A 240 10.91 -30.69 9.60
N THR A 241 11.93 -29.80 9.73
CA THR A 241 12.40 -29.27 11.02
C THR A 241 12.74 -27.77 10.94
N PHE A 242 13.32 -27.24 12.04
CA PHE A 242 13.79 -25.86 12.11
C PHE A 242 14.93 -25.69 11.08
N GLU A 243 15.76 -26.72 10.93
CA GLU A 243 16.91 -26.77 10.04
C GLU A 243 16.54 -26.86 8.56
N SER A 244 15.42 -27.56 8.21
CA SER A 244 14.98 -27.66 6.82
C SER A 244 14.37 -26.34 6.32
N ASP A 245 13.80 -25.52 7.23
CA ASP A 245 13.26 -24.18 6.90
C ASP A 245 14.45 -23.22 6.59
N VAL A 246 15.60 -23.43 7.25
CA VAL A 246 16.84 -22.68 7.05
C VAL A 246 17.39 -22.92 5.63
N TRP A 247 17.41 -24.19 5.16
CA TRP A 247 17.83 -24.55 3.79
C TRP A 247 16.95 -23.75 2.77
N SER A 248 15.62 -23.75 2.93
CA SER A 248 14.69 -23.04 2.04
C SER A 248 14.94 -21.52 2.05
N TYR A 249 15.31 -20.96 3.21
CA TYR A 249 15.67 -19.53 3.34
C TYR A 249 16.90 -19.20 2.44
N GLY A 250 17.86 -20.15 2.35
CA GLY A 250 19.05 -20.02 1.51
C GLY A 250 18.67 -19.92 0.04
N ILE A 251 17.70 -20.76 -0.39
CA ILE A 251 17.17 -20.76 -1.77
C ILE A 251 16.45 -19.41 -2.03
N PHE A 252 15.64 -18.93 -1.04
CA PHE A 252 14.94 -17.64 -1.11
C PHE A 252 15.96 -16.46 -1.32
N LEU A 253 17.14 -16.51 -0.61
CA LEU A 253 18.22 -15.50 -0.77
C LEU A 253 18.74 -15.45 -2.21
N TRP A 254 18.94 -16.63 -2.80
CA TRP A 254 19.35 -16.78 -4.20
C TRP A 254 18.28 -16.14 -5.15
N GLU A 255 16.97 -16.38 -4.92
CA GLU A 255 15.88 -15.76 -5.70
C GLU A 255 15.95 -14.23 -5.59
N LEU A 256 16.14 -13.75 -4.38
CA LEU A 256 16.17 -12.33 -4.06
C LEU A 256 17.30 -11.56 -4.75
N PHE A 257 18.54 -12.05 -4.63
CA PHE A 257 19.72 -11.38 -5.18
C PHE A 257 19.96 -11.73 -6.68
N SER A 258 19.01 -12.47 -7.28
CA SER A 258 18.97 -12.79 -8.72
C SER A 258 17.80 -11.98 -9.31
N LEU A 259 17.03 -11.26 -8.44
CA LEU A 259 15.86 -10.44 -8.83
C LEU A 259 14.72 -11.32 -9.42
N GLY A 260 14.42 -12.42 -8.74
CA GLY A 260 13.32 -13.31 -9.08
C GLY A 260 13.56 -14.39 -10.12
N SER A 261 14.79 -14.78 -10.31
CA SER A 261 15.08 -15.83 -11.29
C SER A 261 14.75 -17.19 -10.66
N SER A 262 14.41 -18.19 -11.49
CA SER A 262 14.11 -19.55 -11.02
C SER A 262 15.40 -20.27 -10.53
N PRO A 263 15.41 -20.98 -9.37
CA PRO A 263 16.67 -21.63 -8.90
C PRO A 263 17.10 -22.80 -9.78
N TYR A 264 18.42 -23.19 -9.69
CA TYR A 264 19.09 -24.23 -10.50
C TYR A 264 18.70 -24.03 -11.98
N PRO A 265 18.96 -22.82 -12.55
CA PRO A 265 18.52 -22.55 -13.95
C PRO A 265 19.05 -23.55 -14.98
N GLY A 266 18.17 -23.93 -15.91
CA GLY A 266 18.44 -24.88 -16.98
C GLY A 266 18.47 -26.34 -16.56
N MET A 267 18.22 -26.63 -15.27
CA MET A 267 18.24 -27.99 -14.75
C MET A 267 16.83 -28.51 -14.43
N PRO A 268 16.32 -29.57 -15.11
CA PRO A 268 15.01 -30.10 -14.71
C PRO A 268 15.12 -30.99 -13.47
N VAL A 269 13.99 -31.22 -12.76
CA VAL A 269 13.95 -32.11 -11.60
C VAL A 269 13.79 -33.56 -12.12
N ASP A 270 14.89 -34.31 -12.11
CA ASP A 270 14.94 -35.70 -12.56
C ASP A 270 15.94 -36.47 -11.69
N SER A 271 16.30 -37.71 -12.09
CA SER A 271 17.26 -38.55 -11.38
C SER A 271 18.60 -37.85 -11.21
N LYS A 272 19.11 -37.20 -12.27
CA LYS A 272 20.37 -36.46 -12.29
C LYS A 272 20.37 -35.33 -11.24
N PHE A 273 19.23 -34.63 -11.04
CA PHE A 273 19.10 -33.55 -10.02
C PHE A 273 19.22 -34.10 -8.60
N TYR A 274 18.48 -35.18 -8.27
CA TYR A 274 18.48 -35.80 -6.94
C TYR A 274 19.89 -36.31 -6.58
N LYS A 275 20.59 -36.90 -7.56
CA LYS A 275 21.94 -37.41 -7.45
C LYS A 275 22.94 -36.28 -7.14
N MET A 276 22.85 -35.16 -7.90
CA MET A 276 23.76 -34.03 -7.74
C MET A 276 23.65 -33.36 -6.38
N ILE A 277 22.40 -33.19 -5.87
CA ILE A 277 22.11 -32.60 -4.55
C ILE A 277 22.73 -33.44 -3.43
N LYS A 278 22.52 -34.77 -3.49
CA LYS A 278 23.06 -35.75 -2.55
C LYS A 278 24.60 -35.80 -2.57
N GLU A 279 25.22 -35.59 -3.75
CA GLU A 279 26.68 -35.57 -3.99
C GLU A 279 27.36 -34.24 -3.59
N GLY A 280 26.59 -33.22 -3.23
CA GLY A 280 27.13 -31.94 -2.80
C GLY A 280 27.16 -30.79 -3.78
N PHE A 281 26.46 -30.90 -4.95
CA PHE A 281 26.38 -29.80 -5.92
C PHE A 281 25.52 -28.68 -5.34
N ARG A 282 25.99 -27.44 -5.47
CA ARG A 282 25.28 -26.25 -4.99
C ARG A 282 25.36 -25.13 -6.03
N MET A 283 24.37 -24.21 -6.03
CA MET A 283 24.37 -23.07 -6.96
C MET A 283 25.54 -22.12 -6.64
N SER A 284 26.04 -21.45 -7.68
CA SER A 284 27.07 -20.45 -7.51
C SER A 284 26.34 -19.13 -7.18
N SER A 285 27.05 -18.08 -6.72
CA SER A 285 26.37 -16.85 -6.29
C SER A 285 25.48 -16.16 -7.36
N PRO A 286 24.26 -15.65 -7.02
CA PRO A 286 23.47 -14.92 -8.05
C PRO A 286 24.16 -13.58 -8.35
N GLU A 287 23.88 -13.00 -9.53
CA GLU A 287 24.53 -11.81 -10.08
C GLU A 287 24.69 -10.61 -9.13
N TYR A 288 23.68 -10.35 -8.25
CA TYR A 288 23.71 -9.16 -7.38
C TYR A 288 23.96 -9.43 -5.90
N ALA A 289 24.37 -10.66 -5.53
CA ALA A 289 24.60 -10.97 -4.13
C ALA A 289 25.95 -10.48 -3.58
N PRO A 290 25.95 -9.71 -2.47
CA PRO A 290 27.23 -9.37 -1.81
C PRO A 290 27.88 -10.69 -1.33
N ALA A 291 29.22 -10.76 -1.28
CA ALA A 291 29.95 -11.97 -0.86
C ALA A 291 29.48 -12.53 0.51
N GLU A 292 29.21 -11.65 1.50
CA GLU A 292 28.77 -12.05 2.84
C GLU A 292 27.35 -12.66 2.85
N MET A 293 26.51 -12.32 1.85
CA MET A 293 25.16 -12.91 1.70
C MET A 293 25.29 -14.31 1.09
N TYR A 294 26.23 -14.49 0.14
CA TYR A 294 26.50 -15.80 -0.46
C TYR A 294 27.10 -16.74 0.61
N ASP A 295 27.88 -16.19 1.57
CA ASP A 295 28.45 -16.94 2.70
C ASP A 295 27.31 -17.53 3.57
N ILE A 296 26.22 -16.75 3.75
CA ILE A 296 25.03 -17.23 4.47
C ILE A 296 24.39 -18.40 3.70
N MET A 297 24.13 -18.24 2.37
CA MET A 297 23.56 -19.27 1.48
C MET A 297 24.31 -20.60 1.59
N LYS A 298 25.65 -20.58 1.52
CA LYS A 298 26.50 -21.78 1.61
C LYS A 298 26.27 -22.55 2.91
N THR A 299 26.19 -21.83 4.06
CA THR A 299 25.97 -22.46 5.37
C THR A 299 24.54 -23.02 5.49
N CYS A 300 23.51 -22.31 4.91
CA CYS A 300 22.11 -22.79 4.89
C CYS A 300 22.02 -24.13 4.15
N TRP A 301 22.92 -24.32 3.14
CA TRP A 301 22.93 -25.49 2.27
C TRP A 301 23.92 -26.58 2.72
N ASP A 302 24.32 -26.57 3.99
CA ASP A 302 25.21 -27.62 4.46
C ASP A 302 24.43 -28.95 4.51
N ALA A 303 25.08 -30.05 4.10
CA ALA A 303 24.46 -31.40 4.10
C ALA A 303 24.10 -31.83 5.54
N ASP A 304 24.89 -31.36 6.53
CA ASP A 304 24.63 -31.64 7.94
C ASP A 304 23.73 -30.52 8.52
N PRO A 305 22.47 -30.86 8.91
CA PRO A 305 21.55 -29.84 9.47
C PRO A 305 22.08 -29.14 10.72
N ASP A 306 22.93 -29.82 11.51
CA ASP A 306 23.54 -29.30 12.72
C ASP A 306 24.59 -28.21 12.44
N LYS A 307 25.13 -28.18 11.21
CA LYS A 307 26.13 -27.20 10.79
C LYS A 307 25.51 -25.92 10.18
N ARG A 308 24.20 -25.92 9.94
CA ARG A 308 23.48 -24.77 9.39
C ARG A 308 23.28 -23.71 10.50
N PRO A 309 23.22 -22.39 10.18
CA PRO A 309 22.95 -21.39 11.24
C PRO A 309 21.47 -21.41 11.64
N THR A 310 21.14 -20.77 12.78
CA THR A 310 19.74 -20.65 13.22
C THR A 310 19.24 -19.34 12.58
N PHE A 311 17.90 -19.09 12.52
CA PHE A 311 17.39 -17.81 12.01
C PHE A 311 17.88 -16.65 12.89
N LYS A 312 18.00 -16.85 14.22
CA LYS A 312 18.54 -15.86 15.17
C LYS A 312 19.97 -15.45 14.80
N GLN A 313 20.86 -16.43 14.47
CA GLN A 313 22.24 -16.17 14.03
C GLN A 313 22.24 -15.39 12.71
N ILE A 314 21.34 -15.74 11.75
CA ILE A 314 21.19 -15.07 10.46
C ILE A 314 20.83 -13.57 10.70
N VAL A 315 19.85 -13.31 11.60
CA VAL A 315 19.40 -11.96 11.98
C VAL A 315 20.61 -11.10 12.46
N GLN A 316 21.45 -11.65 13.36
CA GLN A 316 22.63 -10.96 13.90
C GLN A 316 23.69 -10.68 12.83
N ASP A 317 23.88 -11.64 11.90
CA ASP A 317 24.81 -11.52 10.78
C ASP A 317 24.40 -10.35 9.83
N ILE A 318 23.14 -10.35 9.33
CA ILE A 318 22.61 -9.30 8.43
C ILE A 318 22.61 -7.92 9.14
N GLU A 319 22.28 -7.89 10.45
CA GLU A 319 22.29 -6.67 11.28
C GLU A 319 23.67 -5.98 11.19
N LYS A 320 24.76 -6.77 11.35
CA LYS A 320 26.12 -6.27 11.27
C LYS A 320 26.42 -5.72 9.85
N GLN A 321 26.03 -6.47 8.80
CA GLN A 321 26.21 -6.08 7.39
C GLN A 321 25.56 -4.72 7.09
N ILE A 322 24.32 -4.50 7.58
CA ILE A 322 23.57 -3.26 7.41
C ILE A 322 24.26 -2.08 8.13
N SER A 323 24.66 -2.27 9.41
CA SER A 323 25.32 -1.20 10.16
C SER A 323 26.61 -0.74 9.47
N GLU A 324 27.43 -1.69 8.97
CA GLU A 324 28.68 -1.43 8.25
C GLU A 324 28.44 -0.71 6.91
N SER A 325 27.31 -1.04 6.23
CA SER A 325 26.90 -0.47 4.95
C SER A 325 26.22 0.88 5.18
N ASP B 26 -16.80 29.41 10.05
CA ASP B 26 -15.73 29.69 11.00
C ASP B 26 -15.41 28.40 11.76
N PRO B 27 -14.23 27.77 11.50
CA PRO B 27 -13.91 26.49 12.17
C PRO B 27 -13.66 26.58 13.66
N THR B 28 -13.29 27.76 14.17
CA THR B 28 -13.05 27.98 15.60
C THR B 28 -14.35 27.78 16.41
N GLN B 29 -15.52 28.07 15.78
CA GLN B 29 -16.85 27.89 16.39
C GLN B 29 -17.36 26.44 16.34
N LEU B 30 -16.71 25.58 15.53
CA LEU B 30 -17.10 24.16 15.41
C LEU B 30 -16.73 23.35 16.67
N PRO B 31 -17.60 22.43 17.14
CA PRO B 31 -17.23 21.64 18.33
C PRO B 31 -16.30 20.46 18.01
N TYR B 32 -15.62 19.94 19.05
CA TYR B 32 -14.77 18.77 18.94
C TYR B 32 -15.35 17.65 19.82
N ASP B 33 -15.86 16.57 19.18
CA ASP B 33 -16.44 15.43 19.89
C ASP B 33 -15.30 14.63 20.52
N HIS B 34 -15.34 14.47 21.84
CA HIS B 34 -14.31 13.75 22.60
C HIS B 34 -14.33 12.22 22.41
N LYS B 35 -15.21 11.72 21.51
CA LYS B 35 -15.27 10.30 21.14
C LYS B 35 -14.03 9.92 20.31
N TRP B 36 -13.39 10.92 19.67
CA TRP B 36 -12.20 10.76 18.83
C TRP B 36 -10.90 10.64 19.64
N GLU B 37 -10.93 10.96 20.95
CA GLU B 37 -9.76 10.89 21.83
C GLU B 37 -9.12 9.49 21.88
N PHE B 38 -7.84 9.43 21.47
CA PHE B 38 -7.03 8.21 21.37
C PHE B 38 -5.84 8.25 22.37
N PRO B 39 -5.44 7.12 22.99
CA PRO B 39 -4.28 7.16 23.92
C PRO B 39 -2.97 7.26 23.15
N ARG B 40 -2.18 8.36 23.31
CA ARG B 40 -0.95 8.59 22.54
C ARG B 40 0.14 7.51 22.76
N ASN B 41 0.07 6.81 23.88
CA ASN B 41 0.97 5.71 24.22
C ASN B 41 0.68 4.44 23.38
N ARG B 42 -0.44 4.44 22.64
CA ARG B 42 -0.83 3.32 21.77
C ARG B 42 -0.41 3.56 20.30
N LEU B 43 0.39 4.63 20.06
CA LEU B 43 0.94 4.99 18.75
C LEU B 43 2.46 4.75 18.73
N SER B 44 2.93 4.07 17.67
CA SER B 44 4.35 3.81 17.44
C SER B 44 4.71 4.46 16.09
N PHE B 45 5.55 5.50 16.11
CA PHE B 45 5.93 6.25 14.92
C PHE B 45 7.01 5.61 14.06
N GLY B 46 6.86 5.77 12.75
CA GLY B 46 7.78 5.29 11.73
C GLY B 46 8.36 6.45 10.93
N LYS B 47 8.57 6.24 9.62
CA LYS B 47 9.13 7.25 8.72
C LYS B 47 8.26 8.48 8.53
N THR B 48 8.92 9.63 8.24
CA THR B 48 8.26 10.89 7.92
C THR B 48 7.89 10.84 6.44
N LEU B 49 6.60 11.03 6.14
CA LEU B 49 6.06 10.98 4.79
C LEU B 49 6.23 12.33 4.05
N GLY B 50 6.05 13.42 4.78
CA GLY B 50 6.15 14.79 4.27
C GLY B 50 6.33 15.80 5.40
N ALA B 51 7.01 16.92 5.13
CA ALA B 51 7.23 17.96 6.14
C ALA B 51 7.35 19.37 5.55
N GLY B 52 6.78 20.34 6.26
CA GLY B 52 6.83 21.76 5.95
C GLY B 52 7.68 22.48 6.98
N ALA B 53 7.58 23.82 7.03
CA ALA B 53 8.36 24.65 7.98
C ALA B 53 7.96 24.42 9.43
N PHE B 54 6.65 24.21 9.68
CA PHE B 54 6.07 24.08 11.01
C PHE B 54 5.37 22.76 11.31
N GLY B 55 5.12 21.93 10.29
CA GLY B 55 4.42 20.66 10.47
C GLY B 55 4.98 19.48 9.70
N LYS B 56 4.47 18.28 10.01
CA LYS B 56 4.86 17.03 9.35
C LYS B 56 3.78 15.93 9.44
N VAL B 57 3.81 14.99 8.47
CA VAL B 57 2.97 13.78 8.41
C VAL B 57 3.93 12.59 8.53
N VAL B 58 3.63 11.69 9.48
CA VAL B 58 4.43 10.50 9.82
C VAL B 58 3.55 9.24 9.73
N GLU B 59 4.15 8.14 9.26
CA GLU B 59 3.53 6.82 9.19
C GLU B 59 3.56 6.23 10.61
N ALA B 60 2.44 5.66 11.08
CA ALA B 60 2.37 5.08 12.42
C ALA B 60 1.55 3.79 12.52
N THR B 61 1.75 3.05 13.62
CA THR B 61 1.01 1.83 13.96
C THR B 61 0.13 2.17 15.17
N ALA B 62 -1.18 1.97 15.03
CA ALA B 62 -2.15 2.24 16.09
C ALA B 62 -2.64 0.91 16.66
N GLN B 63 -2.47 0.72 17.98
CA GLN B 63 -2.90 -0.49 18.69
C GLN B 63 -4.25 -0.24 19.34
N GLY B 64 -5.16 -1.20 19.19
CA GLY B 64 -6.50 -1.15 19.77
C GLY B 64 -7.47 -0.21 19.11
N LEU B 65 -7.28 0.05 17.81
CA LEU B 65 -8.14 0.90 16.99
C LEU B 65 -9.18 0.00 16.28
N ILE B 66 -8.81 -1.26 16.03
CA ILE B 66 -9.65 -2.31 15.45
C ILE B 66 -10.32 -3.03 16.63
N LYS B 67 -11.58 -3.50 16.47
CA LYS B 67 -12.37 -4.21 17.48
C LYS B 67 -11.63 -5.43 18.08
N SER B 68 -10.97 -6.23 17.22
CA SER B 68 -10.10 -7.35 17.64
C SER B 68 -8.74 -6.68 17.98
N ASP B 69 -7.85 -7.33 18.73
CA ASP B 69 -6.60 -6.66 19.13
C ASP B 69 -5.54 -6.52 18.01
N ALA B 70 -5.98 -6.48 16.75
CA ALA B 70 -5.10 -6.34 15.59
C ALA B 70 -4.67 -4.88 15.38
N ALA B 71 -3.38 -4.69 15.07
CA ALA B 71 -2.77 -3.37 14.83
C ALA B 71 -3.04 -2.91 13.41
N MET B 72 -2.97 -1.58 13.18
CA MET B 72 -3.15 -1.03 11.83
C MET B 72 -2.30 0.21 11.61
N THR B 73 -1.92 0.42 10.34
CA THR B 73 -1.11 1.54 9.87
C THR B 73 -2.04 2.74 9.66
N VAL B 74 -1.59 3.91 10.15
CA VAL B 74 -2.30 5.19 10.08
C VAL B 74 -1.31 6.29 9.68
N ALA B 75 -1.84 7.47 9.33
CA ALA B 75 -1.05 8.66 9.03
C ALA B 75 -1.28 9.62 10.20
N VAL B 76 -0.21 10.26 10.71
CA VAL B 76 -0.34 11.17 11.85
C VAL B 76 0.22 12.55 11.50
N LYS B 77 -0.61 13.60 11.62
CA LYS B 77 -0.19 14.98 11.40
C LYS B 77 0.12 15.63 12.77
N MET B 78 1.30 16.26 12.87
CA MET B 78 1.77 16.92 14.09
C MET B 78 2.59 18.16 13.77
N LEU B 79 2.83 19.00 14.76
CA LEU B 79 3.63 20.21 14.59
C LEU B 79 5.09 19.97 15.02
N LYS B 80 6.00 20.77 14.46
CA LYS B 80 7.44 20.75 14.79
C LYS B 80 7.69 21.77 15.91
N PRO B 81 8.81 21.71 16.68
CA PRO B 81 9.05 22.73 17.74
C PRO B 81 9.19 24.18 17.23
N SER B 82 9.26 24.37 15.89
CA SER B 82 9.36 25.66 15.19
C SER B 82 8.00 26.41 15.16
N ALA B 83 6.87 25.67 15.34
CA ALA B 83 5.51 26.22 15.32
C ALA B 83 5.20 27.23 16.44
N HIS B 84 4.38 28.26 16.15
CA HIS B 84 3.96 29.27 17.14
C HIS B 84 2.51 28.94 17.59
N SER B 85 1.74 29.93 18.07
CA SER B 85 0.34 29.74 18.47
C SER B 85 -0.60 29.72 17.26
N THR B 86 -0.27 30.50 16.19
CA THR B 86 -1.02 30.56 14.93
C THR B 86 -1.18 29.15 14.30
N GLU B 87 -0.07 28.37 14.29
CA GLU B 87 -0.01 27.01 13.74
C GLU B 87 -0.78 26.04 14.64
N ARG B 88 -0.67 26.22 15.99
CA ARG B 88 -1.37 25.40 17.01
C ARG B 88 -2.87 25.52 16.84
N GLU B 89 -3.36 26.73 16.58
CA GLU B 89 -4.75 27.05 16.33
C GLU B 89 -5.20 26.42 14.99
N ALA B 90 -4.38 26.55 13.93
CA ALA B 90 -4.70 25.99 12.60
C ALA B 90 -4.87 24.45 12.58
N LEU B 91 -4.04 23.72 13.36
CA LEU B 91 -4.14 22.26 13.46
C LEU B 91 -5.41 21.86 14.22
N MET B 92 -5.75 22.62 15.27
CA MET B 92 -6.96 22.41 16.05
C MET B 92 -8.21 22.68 15.18
N SER B 93 -8.16 23.73 14.31
CA SER B 93 -9.24 24.07 13.38
C SER B 93 -9.46 22.97 12.33
N GLU B 94 -8.36 22.34 11.86
CA GLU B 94 -8.42 21.24 10.89
C GLU B 94 -9.15 20.05 11.52
N LEU B 95 -8.82 19.74 12.80
CA LEU B 95 -9.42 18.66 13.58
C LEU B 95 -10.94 18.86 13.73
N LYS B 96 -11.38 20.10 14.01
CA LYS B 96 -12.80 20.44 14.14
C LYS B 96 -13.54 20.21 12.82
N VAL B 97 -12.95 20.66 11.68
CA VAL B 97 -13.53 20.49 10.34
C VAL B 97 -13.68 18.99 10.01
N LEU B 98 -12.63 18.18 10.25
CA LEU B 98 -12.65 16.74 10.00
C LEU B 98 -13.73 16.04 10.83
N SER B 99 -13.86 16.41 12.13
CA SER B 99 -14.86 15.88 13.07
C SER B 99 -16.27 16.27 12.58
N TYR B 100 -16.44 17.53 12.14
CA TYR B 100 -17.69 18.08 11.62
C TYR B 100 -18.15 17.41 10.30
N LEU B 101 -17.21 17.12 9.39
CA LEU B 101 -17.52 16.53 8.09
C LEU B 101 -18.08 15.11 8.14
N GLY B 102 -17.54 14.28 9.03
CA GLY B 102 -17.92 12.88 9.12
C GLY B 102 -17.29 12.07 8.00
N ASN B 103 -17.64 10.78 7.90
CA ASN B 103 -17.07 9.93 6.87
C ASN B 103 -17.64 10.11 5.48
N HIS B 104 -16.75 10.17 4.50
CA HIS B 104 -17.07 10.19 3.07
C HIS B 104 -16.01 9.36 2.37
N GLU B 105 -16.45 8.50 1.46
CA GLU B 105 -15.58 7.62 0.68
C GLU B 105 -14.47 8.36 -0.09
N ASN B 106 -14.77 9.54 -0.69
CA ASN B 106 -13.79 10.26 -1.51
C ASN B 106 -13.07 11.38 -0.78
N ILE B 107 -13.04 11.31 0.55
CA ILE B 107 -12.28 12.25 1.38
C ILE B 107 -11.44 11.44 2.36
N VAL B 108 -10.25 11.93 2.69
CA VAL B 108 -9.40 11.30 3.69
C VAL B 108 -10.19 11.43 5.04
N ASN B 109 -10.43 10.30 5.72
CA ASN B 109 -11.24 10.27 6.94
C ASN B 109 -10.45 10.31 8.26
N LEU B 110 -11.04 10.97 9.26
CA LEU B 110 -10.55 11.08 10.64
C LEU B 110 -10.75 9.74 11.34
N LEU B 111 -9.72 9.28 12.08
CA LEU B 111 -9.76 8.01 12.82
C LEU B 111 -9.69 8.24 14.33
N GLY B 112 -9.02 9.31 14.74
CA GLY B 112 -8.82 9.68 16.12
C GLY B 112 -7.94 10.91 16.28
N ALA B 113 -7.61 11.25 17.53
CA ALA B 113 -6.77 12.40 17.88
C ALA B 113 -6.28 12.33 19.32
N CYS B 114 -5.14 12.99 19.60
CA CYS B 114 -4.54 13.10 20.94
C CYS B 114 -4.39 14.61 21.24
N THR B 115 -5.26 15.17 22.10
CA THR B 115 -5.25 16.60 22.42
C THR B 115 -4.68 16.95 23.80
N HIS B 116 -4.95 16.14 24.83
CA HIS B 116 -4.44 16.40 26.18
C HIS B 116 -3.20 15.55 26.53
N GLY B 117 -2.38 16.06 27.45
CA GLY B 117 -1.15 15.41 27.89
C GLY B 117 -0.01 15.45 26.90
N GLY B 118 0.02 16.49 26.06
CA GLY B 118 1.05 16.69 25.03
C GLY B 118 0.58 17.46 23.81
N PRO B 119 1.45 17.61 22.78
CA PRO B 119 1.05 18.33 21.55
C PRO B 119 -0.10 17.64 20.82
N THR B 120 -0.94 18.41 20.10
CA THR B 120 -2.10 17.82 19.40
C THR B 120 -1.65 16.96 18.19
N LEU B 121 -2.21 15.74 18.10
CA LEU B 121 -1.94 14.75 17.04
C LEU B 121 -3.26 14.44 16.33
N VAL B 122 -3.28 14.52 15.00
CA VAL B 122 -4.46 14.22 14.20
C VAL B 122 -4.19 12.92 13.43
N ILE B 123 -5.05 11.90 13.67
CA ILE B 123 -4.93 10.56 13.09
C ILE B 123 -5.93 10.34 11.95
N THR B 124 -5.42 10.15 10.74
CA THR B 124 -6.23 9.93 9.54
C THR B 124 -5.85 8.61 8.86
N GLU B 125 -6.66 8.19 7.87
CA GLU B 125 -6.39 6.93 7.17
C GLU B 125 -5.18 6.95 6.24
N TYR B 126 -4.46 5.82 6.24
CA TYR B 126 -3.27 5.61 5.40
C TYR B 126 -3.73 5.20 3.99
N CYS B 127 -3.20 5.85 2.95
CA CYS B 127 -3.50 5.57 1.54
C CYS B 127 -2.20 5.07 0.90
N CYS B 128 -2.10 3.75 0.74
CA CYS B 128 -0.88 3.08 0.31
C CYS B 128 -0.27 3.54 -1.02
N TYR B 129 -1.07 4.01 -2.02
CA TYR B 129 -0.40 4.38 -3.26
C TYR B 129 0.10 5.84 -3.31
N GLY B 130 -0.04 6.58 -2.21
CA GLY B 130 0.45 7.95 -2.09
C GLY B 130 -0.35 8.96 -2.90
N ASP B 131 0.26 10.13 -3.23
CA ASP B 131 -0.41 11.20 -4.00
C ASP B 131 -0.61 10.83 -5.47
N LEU B 132 -1.74 11.31 -6.05
CA LEU B 132 -2.15 11.06 -7.44
C LEU B 132 -1.17 11.63 -8.50
N LEU B 133 -0.56 12.79 -8.23
CA LEU B 133 0.39 13.40 -9.16
C LEU B 133 1.60 12.47 -9.47
N ASN B 134 2.27 11.96 -8.42
CA ASN B 134 3.39 11.04 -8.57
C ASN B 134 2.99 9.70 -9.17
N PHE B 135 1.77 9.20 -8.85
CA PHE B 135 1.23 7.96 -9.41
C PHE B 135 1.11 8.09 -10.94
N LEU B 136 0.46 9.19 -11.43
CA LEU B 136 0.28 9.45 -12.86
C LEU B 136 1.63 9.55 -13.60
N ARG B 137 2.62 10.19 -12.96
CA ARG B 137 3.98 10.33 -13.50
C ARG B 137 4.70 8.98 -13.64
N ARG B 138 4.49 8.06 -12.67
CA ARG B 138 5.08 6.71 -12.72
C ARG B 138 4.39 5.81 -13.75
N LYS B 139 3.08 6.00 -13.99
CA LYS B 139 2.30 5.18 -14.93
C LYS B 139 2.28 5.70 -16.37
N ARG B 140 2.91 6.88 -16.61
CA ARG B 140 2.98 7.55 -17.90
C ARG B 140 3.35 6.64 -19.08
N ASP B 141 4.33 5.74 -18.89
CA ASP B 141 4.78 4.84 -19.94
C ASP B 141 4.05 3.49 -19.92
N GLU B 142 3.08 3.34 -19.02
CA GLU B 142 2.24 2.16 -18.87
C GLU B 142 0.78 2.60 -19.12
N PHE B 143 0.58 3.57 -20.02
CA PHE B 143 -0.75 4.07 -20.34
C PHE B 143 -1.19 3.67 -21.74
N VAL B 144 -2.45 3.26 -21.84
CA VAL B 144 -3.09 2.89 -23.10
C VAL B 144 -4.50 3.52 -23.12
N PRO B 145 -4.91 4.24 -24.20
CA PRO B 145 -6.27 4.82 -24.21
C PRO B 145 -7.36 3.74 -24.12
N TYR B 146 -7.31 2.70 -25.00
CA TYR B 146 -8.29 1.61 -24.97
C TYR B 146 -7.65 0.22 -24.96
N LYS B 147 -8.13 -0.64 -24.04
CA LYS B 147 -7.66 -2.01 -23.80
C LYS B 147 -7.96 -2.97 -24.95
N VAL B 148 -7.01 -3.90 -25.21
CA VAL B 148 -7.03 -4.96 -26.24
C VAL B 148 -7.29 -4.38 -27.64
N ASP B 156 -2.01 -3.39 -13.37
CA ASP B 156 -1.36 -3.48 -14.67
C ASP B 156 -1.44 -2.13 -15.44
N PHE B 157 -2.00 -2.13 -16.68
CA PHE B 157 -2.10 -0.94 -17.52
C PHE B 157 -3.12 0.08 -17.05
N LEU B 158 -2.73 1.37 -17.08
CA LEU B 158 -3.60 2.49 -16.75
C LEU B 158 -4.41 2.84 -18.01
N THR B 159 -5.74 2.93 -17.86
CA THR B 159 -6.63 3.19 -18.99
C THR B 159 -7.41 4.48 -18.83
N LEU B 160 -8.13 4.86 -19.90
CA LEU B 160 -9.03 6.03 -19.97
C LEU B 160 -10.20 5.86 -18.98
N GLU B 161 -10.65 4.60 -18.78
CA GLU B 161 -11.69 4.19 -17.84
C GLU B 161 -11.30 4.59 -16.40
N HIS B 162 -10.01 4.40 -16.02
CA HIS B 162 -9.49 4.80 -14.71
C HIS B 162 -9.50 6.33 -14.57
N LEU B 163 -9.09 7.05 -15.64
CA LEU B 163 -9.04 8.52 -15.62
C LEU B 163 -10.45 9.11 -15.46
N LEU B 164 -11.46 8.56 -16.17
CA LEU B 164 -12.85 9.01 -16.04
C LEU B 164 -13.39 8.73 -14.64
N SER B 165 -13.03 7.58 -14.04
CA SER B 165 -13.44 7.20 -12.68
C SER B 165 -12.85 8.15 -11.63
N PHE B 166 -11.53 8.51 -11.77
CA PHE B 166 -10.85 9.46 -10.88
C PHE B 166 -11.51 10.86 -10.95
N SER B 167 -11.89 11.32 -12.17
CA SER B 167 -12.54 12.62 -12.38
C SER B 167 -13.92 12.66 -11.68
N TYR B 168 -14.67 11.55 -11.77
CA TYR B 168 -15.97 11.34 -11.15
C TYR B 168 -15.87 11.35 -9.61
N GLN B 169 -14.95 10.56 -9.05
CA GLN B 169 -14.73 10.48 -7.60
C GLN B 169 -14.30 11.81 -6.99
N VAL B 170 -13.44 12.59 -7.68
CA VAL B 170 -13.01 13.89 -7.15
C VAL B 170 -14.17 14.91 -7.21
N ALA B 171 -15.00 14.88 -8.26
CA ALA B 171 -16.18 15.77 -8.36
C ALA B 171 -17.20 15.44 -7.25
N LYS B 172 -17.37 14.12 -6.93
CA LYS B 172 -18.25 13.61 -5.87
C LYS B 172 -17.82 14.09 -4.50
N GLY B 173 -16.53 13.99 -4.20
CA GLY B 173 -15.96 14.45 -2.94
C GLY B 173 -16.07 15.96 -2.78
N MET B 174 -15.90 16.70 -3.90
CA MET B 174 -15.99 18.16 -3.91
C MET B 174 -17.41 18.63 -3.72
N ALA B 175 -18.41 17.92 -4.33
CA ALA B 175 -19.85 18.19 -4.18
C ALA B 175 -20.26 18.03 -2.72
N PHE B 176 -19.67 17.02 -2.04
CA PHE B 176 -19.93 16.78 -0.63
C PHE B 176 -19.38 17.94 0.22
N LEU B 177 -18.13 18.37 -0.04
CA LEU B 177 -17.48 19.49 0.67
C LEU B 177 -18.30 20.78 0.57
N ALA B 178 -18.81 21.10 -0.64
CA ALA B 178 -19.62 22.29 -0.91
C ALA B 178 -20.98 22.23 -0.21
N SER B 179 -21.59 21.01 -0.09
CA SER B 179 -22.88 20.83 0.57
C SER B 179 -22.76 21.05 2.09
N LYS B 180 -21.51 21.00 2.63
CA LYS B 180 -21.16 21.21 4.03
C LYS B 180 -20.61 22.64 4.25
N ASN B 181 -20.70 23.49 3.21
CA ASN B 181 -20.24 24.89 3.18
C ASN B 181 -18.71 25.04 3.38
N CYS B 182 -17.95 24.09 2.79
CA CYS B 182 -16.50 24.12 2.87
C CYS B 182 -15.85 24.42 1.52
N ILE B 183 -14.79 25.23 1.57
CA ILE B 183 -13.96 25.64 0.44
C ILE B 183 -12.54 25.06 0.68
N HIS B 184 -12.00 24.34 -0.32
CA HIS B 184 -10.68 23.68 -0.22
C HIS B 184 -9.52 24.68 -0.28
N ARG B 185 -9.49 25.53 -1.33
CA ARG B 185 -8.51 26.59 -1.60
C ARG B 185 -7.19 26.10 -2.22
N ASP B 186 -6.94 24.77 -2.24
CA ASP B 186 -5.71 24.21 -2.82
C ASP B 186 -5.97 22.86 -3.54
N LEU B 187 -7.07 22.81 -4.33
CA LEU B 187 -7.41 21.61 -5.10
C LEU B 187 -6.43 21.45 -6.27
N ALA B 188 -5.77 20.27 -6.32
CA ALA B 188 -4.73 19.89 -7.29
C ALA B 188 -4.43 18.39 -7.15
N ALA B 189 -3.82 17.77 -8.18
CA ALA B 189 -3.46 16.34 -8.15
C ALA B 189 -2.52 15.99 -6.97
N ARG B 190 -1.68 16.95 -6.51
CA ARG B 190 -0.77 16.76 -5.37
C ARG B 190 -1.56 16.62 -4.02
N ASN B 191 -2.84 17.06 -3.99
CA ASN B 191 -3.72 17.01 -2.80
C ASN B 191 -4.83 15.98 -2.96
N ILE B 192 -4.56 14.91 -3.72
CA ILE B 192 -5.47 13.78 -3.94
C ILE B 192 -4.63 12.55 -3.64
N LEU B 193 -5.13 11.66 -2.78
CA LEU B 193 -4.42 10.42 -2.45
C LEU B 193 -5.12 9.23 -3.10
N LEU B 194 -4.36 8.16 -3.35
CA LEU B 194 -4.89 6.94 -3.98
C LEU B 194 -4.74 5.75 -3.04
N THR B 195 -5.87 5.05 -2.77
CA THR B 195 -5.88 3.87 -1.92
C THR B 195 -6.34 2.63 -2.75
N HIS B 196 -6.81 1.54 -2.08
CA HIS B 196 -7.26 0.28 -2.73
C HIS B 196 -8.48 0.46 -3.63
N GLY B 197 -8.69 -0.49 -4.54
CA GLY B 197 -9.81 -0.55 -5.48
C GLY B 197 -9.99 0.69 -6.35
N ASN B 198 -8.85 1.35 -6.70
CA ASN B 198 -8.78 2.58 -7.48
C ASN B 198 -9.60 3.71 -6.85
N ILE B 199 -9.56 3.81 -5.52
CA ILE B 199 -10.30 4.86 -4.79
C ILE B 199 -9.39 6.07 -4.53
N THR B 200 -9.86 7.26 -4.96
CA THR B 200 -9.18 8.55 -4.78
C THR B 200 -9.79 9.27 -3.59
N LYS B 201 -8.96 9.93 -2.81
CA LYS B 201 -9.43 10.66 -1.64
C LYS B 201 -8.86 12.07 -1.62
N ILE B 202 -9.74 13.08 -1.54
CA ILE B 202 -9.32 14.48 -1.44
C ILE B 202 -8.63 14.67 -0.08
N CYS B 203 -7.48 15.36 -0.09
CA CYS B 203 -6.73 15.65 1.13
C CYS B 203 -6.21 17.08 1.10
N ASP B 204 -5.47 17.48 2.15
CA ASP B 204 -4.81 18.76 2.28
C ASP B 204 -3.59 18.58 3.19
N PHE B 205 -2.39 18.54 2.58
CA PHE B 205 -1.11 18.39 3.29
C PHE B 205 -0.89 19.59 4.24
N GLY B 206 -1.38 20.76 3.82
CA GLY B 206 -1.32 22.02 4.58
C GLY B 206 0.08 22.35 5.08
N LEU B 207 0.22 22.42 6.42
CA LEU B 207 1.47 22.73 7.12
C LEU B 207 2.57 21.67 6.95
N ALA B 208 2.20 20.45 6.48
CA ALA B 208 3.12 19.34 6.21
C ALA B 208 3.69 19.32 4.78
N ARG B 209 3.50 20.42 4.04
CA ARG B 209 4.04 20.59 2.69
C ARG B 209 5.12 21.68 2.70
N ASP B 210 6.28 21.38 2.09
CA ASP B 210 7.39 22.33 1.98
C ASP B 210 7.15 23.21 0.72
N ILE B 211 6.27 24.22 0.86
CA ILE B 211 5.87 25.13 -0.23
C ILE B 211 7.01 26.04 -0.72
N LYS B 212 8.01 26.31 0.15
CA LYS B 212 9.18 27.15 -0.15
C LYS B 212 10.05 26.52 -1.25
N ASN B 213 10.18 25.18 -1.23
CA ASN B 213 11.01 24.46 -2.21
C ASN B 213 10.21 23.79 -3.34
N ASP B 214 8.90 24.04 -3.42
CA ASP B 214 8.04 23.49 -4.47
C ASP B 214 7.82 24.60 -5.50
N SER B 215 8.31 24.39 -6.74
CA SER B 215 8.18 25.34 -7.85
C SER B 215 6.72 25.58 -8.33
N ASN B 216 5.76 24.74 -7.88
CA ASN B 216 4.34 24.89 -8.20
C ASN B 216 3.67 26.00 -7.35
N TYR B 217 4.40 26.53 -6.34
CA TYR B 217 3.99 27.64 -5.47
C TYR B 217 4.90 28.83 -5.82
N VAL B 218 4.30 30.00 -6.04
CA VAL B 218 5.00 31.20 -6.51
C VAL B 218 4.95 32.34 -5.49
N ASP B 219 6.04 33.14 -5.41
CA ASP B 219 6.12 34.33 -4.55
C ASP B 219 5.23 35.41 -5.18
N LYS B 220 4.19 35.82 -4.45
CA LYS B 220 3.27 36.87 -4.86
C LYS B 220 2.94 37.70 -3.64
N GLY B 221 3.60 38.85 -3.54
CA GLY B 221 3.48 39.74 -2.39
C GLY B 221 4.21 39.14 -1.20
N ASN B 222 3.52 39.05 -0.06
CA ASN B 222 4.04 38.47 1.18
C ASN B 222 3.72 36.97 1.28
N ALA B 223 3.13 36.37 0.22
CA ALA B 223 2.72 34.97 0.23
C ALA B 223 3.35 34.08 -0.86
N ARG B 224 3.27 32.76 -0.66
CA ARG B 224 3.71 31.73 -1.58
C ARG B 224 2.44 30.96 -1.98
N LEU B 225 1.97 31.24 -3.21
CA LEU B 225 0.68 30.74 -3.69
C LEU B 225 0.70 29.82 -4.93
N PRO B 226 -0.29 28.90 -5.08
CA PRO B 226 -0.33 28.03 -6.28
C PRO B 226 -1.05 28.70 -7.47
N VAL B 227 -0.44 29.79 -8.00
CA VAL B 227 -0.98 30.69 -9.04
C VAL B 227 -1.56 29.96 -10.26
N LYS B 228 -0.90 28.92 -10.80
CA LYS B 228 -1.38 28.20 -11.99
C LYS B 228 -2.69 27.41 -11.80
N TRP B 229 -3.13 27.21 -10.53
CA TRP B 229 -4.40 26.53 -10.24
C TRP B 229 -5.49 27.54 -9.79
N MET B 230 -5.11 28.84 -9.65
CA MET B 230 -5.99 29.86 -9.10
C MET B 230 -6.84 30.62 -10.11
N ALA B 231 -8.11 30.87 -9.72
CA ALA B 231 -9.09 31.65 -10.48
C ALA B 231 -8.68 33.13 -10.49
N PRO B 232 -8.89 33.89 -11.60
CA PRO B 232 -8.52 35.33 -11.61
C PRO B 232 -8.98 36.14 -10.39
N GLU B 233 -10.23 35.94 -9.88
CA GLU B 233 -10.74 36.67 -8.69
C GLU B 233 -9.91 36.37 -7.43
N SER B 234 -9.29 35.16 -7.36
CA SER B 234 -8.43 34.77 -6.25
C SER B 234 -7.08 35.45 -6.37
N ILE B 235 -6.50 35.45 -7.59
CA ILE B 235 -5.20 36.08 -7.85
C ILE B 235 -5.27 37.60 -7.62
N PHE B 236 -6.17 38.29 -8.34
CA PHE B 236 -6.25 39.75 -8.32
C PHE B 236 -7.05 40.38 -7.16
N ASN B 237 -7.86 39.60 -6.40
CA ASN B 237 -8.58 40.23 -5.28
C ASN B 237 -8.62 39.37 -4.00
N SER B 238 -7.93 38.21 -3.99
CA SER B 238 -7.83 37.29 -2.83
C SER B 238 -9.18 36.73 -2.36
N VAL B 239 -10.11 36.54 -3.31
CA VAL B 239 -11.42 35.98 -2.98
C VAL B 239 -11.47 34.48 -3.29
N TYR B 240 -11.92 33.66 -2.32
CA TYR B 240 -12.05 32.21 -2.42
C TYR B 240 -13.50 31.82 -2.16
N THR B 241 -14.14 31.17 -3.15
CA THR B 241 -15.56 30.81 -3.11
C THR B 241 -15.77 29.37 -3.59
N PHE B 242 -17.06 28.94 -3.68
CA PHE B 242 -17.45 27.65 -4.23
C PHE B 242 -17.02 27.61 -5.71
N GLU B 243 -17.11 28.77 -6.40
CA GLU B 243 -16.79 28.95 -7.81
C GLU B 243 -15.29 28.92 -8.11
N SER B 244 -14.44 29.43 -7.18
CA SER B 244 -12.98 29.38 -7.36
C SER B 244 -12.44 27.96 -7.18
N ASP B 245 -13.11 27.09 -6.38
CA ASP B 245 -12.72 25.67 -6.23
C ASP B 245 -13.02 24.92 -7.55
N VAL B 246 -14.09 25.34 -8.28
CA VAL B 246 -14.51 24.79 -9.57
C VAL B 246 -13.42 25.08 -10.65
N TRP B 247 -12.87 26.32 -10.70
CA TRP B 247 -11.76 26.68 -11.60
C TRP B 247 -10.56 25.72 -11.36
N SER B 248 -10.16 25.51 -10.09
CA SER B 248 -9.04 24.64 -9.73
C SER B 248 -9.29 23.18 -10.15
N TYR B 249 -10.56 22.71 -10.06
CA TYR B 249 -10.98 21.37 -10.53
C TYR B 249 -10.69 21.23 -12.05
N GLY B 250 -10.94 22.30 -12.81
CA GLY B 250 -10.67 22.35 -14.26
C GLY B 250 -9.19 22.14 -14.55
N ILE B 251 -8.30 22.79 -13.76
CA ILE B 251 -6.84 22.65 -13.86
C ILE B 251 -6.44 21.21 -13.51
N PHE B 252 -7.06 20.64 -12.43
CA PHE B 252 -6.82 19.25 -12.01
C PHE B 252 -7.17 18.26 -13.16
N LEU B 253 -8.29 18.50 -13.90
CA LEU B 253 -8.70 17.68 -15.07
C LEU B 253 -7.61 17.67 -16.14
N TRP B 254 -7.03 18.86 -16.43
CA TRP B 254 -5.94 19.02 -17.39
C TRP B 254 -4.72 18.19 -16.94
N GLU B 255 -4.33 18.26 -15.64
CA GLU B 255 -3.19 17.48 -15.10
C GLU B 255 -3.41 16.01 -15.31
N LEU B 256 -4.65 15.56 -15.00
CA LEU B 256 -5.10 14.17 -15.06
C LEU B 256 -5.03 13.58 -16.48
N PHE B 257 -5.69 14.23 -17.46
CA PHE B 257 -5.68 13.77 -18.86
C PHE B 257 -4.30 14.00 -19.56
N SER B 258 -3.42 14.86 -18.99
CA SER B 258 -2.04 15.05 -19.50
C SER B 258 -1.09 14.06 -18.78
N LEU B 259 -1.63 13.17 -17.93
CA LEU B 259 -0.87 12.16 -17.17
C LEU B 259 0.20 12.75 -16.20
N GLY B 260 -0.15 13.84 -15.51
CA GLY B 260 0.71 14.50 -14.52
C GLY B 260 1.66 15.57 -15.02
N SER B 261 1.36 16.14 -16.16
CA SER B 261 2.21 17.19 -16.69
C SER B 261 1.88 18.49 -15.92
N SER B 262 2.87 19.39 -15.78
CA SER B 262 2.69 20.69 -15.14
C SER B 262 1.77 21.58 -16.00
N PRO B 263 0.78 22.34 -15.43
CA PRO B 263 -0.10 23.18 -16.28
C PRO B 263 0.64 24.36 -16.91
N TYR B 264 0.06 24.96 -18.00
CA TYR B 264 0.63 26.06 -18.81
C TYR B 264 2.11 25.74 -19.12
N PRO B 265 2.40 24.55 -19.73
CA PRO B 265 3.80 24.17 -19.96
C PRO B 265 4.61 25.19 -20.76
N GLY B 266 5.87 25.38 -20.33
CA GLY B 266 6.82 26.31 -20.95
C GLY B 266 6.59 27.78 -20.61
N MET B 267 5.55 28.07 -19.81
CA MET B 267 5.20 29.44 -19.43
C MET B 267 5.55 29.76 -17.95
N PRO B 268 6.48 30.66 -17.66
CA PRO B 268 6.71 31.01 -16.23
C PRO B 268 5.64 31.96 -15.69
N VAL B 269 5.49 32.03 -14.36
CA VAL B 269 4.57 32.95 -13.70
C VAL B 269 5.29 34.32 -13.60
N ASP B 270 4.97 35.20 -14.54
CA ASP B 270 5.50 36.57 -14.66
C ASP B 270 4.37 37.50 -15.10
N SER B 271 4.70 38.79 -15.38
CA SER B 271 3.78 39.83 -15.84
C SER B 271 2.95 39.40 -17.05
N LYS B 272 3.63 38.79 -18.05
CA LYS B 272 3.05 38.30 -19.30
C LYS B 272 1.96 37.25 -19.00
N PHE B 273 2.19 36.36 -18.01
CA PHE B 273 1.22 35.33 -17.61
C PHE B 273 -0.07 35.93 -17.01
N TYR B 274 0.06 36.88 -16.05
CA TYR B 274 -1.08 37.55 -15.40
C TYR B 274 -1.94 38.28 -16.43
N LYS B 275 -1.28 38.93 -17.39
CA LYS B 275 -1.91 39.67 -18.49
C LYS B 275 -2.70 38.70 -19.41
N MET B 276 -2.10 37.57 -19.81
CA MET B 276 -2.74 36.59 -20.69
C MET B 276 -3.99 35.94 -20.08
N ILE B 277 -3.93 35.60 -18.76
CA ILE B 277 -5.06 35.02 -18.01
C ILE B 277 -6.26 35.98 -17.99
N LYS B 278 -5.99 37.28 -17.68
CA LYS B 278 -6.97 38.35 -17.63
C LYS B 278 -7.59 38.62 -19.02
N GLU B 279 -6.79 38.46 -20.10
CA GLU B 279 -7.20 38.66 -21.50
C GLU B 279 -7.96 37.47 -22.12
N GLY B 280 -8.08 36.37 -21.37
CA GLY B 280 -8.84 35.20 -21.81
C GLY B 280 -8.07 34.02 -22.38
N PHE B 281 -6.72 33.98 -22.23
CA PHE B 281 -5.91 32.84 -22.71
C PHE B 281 -6.24 31.62 -21.84
N ARG B 282 -6.45 30.46 -22.50
CA ARG B 282 -6.72 29.20 -21.83
C ARG B 282 -5.92 28.08 -22.47
N MET B 283 -5.60 27.02 -21.69
CA MET B 283 -4.86 25.87 -22.23
C MET B 283 -5.71 25.13 -23.26
N SER B 284 -5.03 24.53 -24.25
CA SER B 284 -5.69 23.73 -25.26
C SER B 284 -5.81 22.30 -24.67
N SER B 285 -6.60 21.46 -25.31
CA SER B 285 -6.85 20.10 -24.83
C SER B 285 -5.62 19.21 -24.75
N PRO B 286 -5.46 18.48 -23.62
CA PRO B 286 -4.43 17.43 -23.59
C PRO B 286 -4.79 16.38 -24.66
N GLU B 287 -3.78 15.74 -25.20
CA GLU B 287 -3.88 14.66 -26.20
C GLU B 287 -4.93 13.57 -25.79
N TYR B 288 -4.89 13.09 -24.52
CA TYR B 288 -5.76 12.00 -24.10
C TYR B 288 -7.11 12.42 -23.48
N ALA B 289 -7.50 13.71 -23.53
CA ALA B 289 -8.78 14.10 -22.97
C ALA B 289 -9.96 13.87 -23.95
N PRO B 290 -11.02 13.11 -23.53
CA PRO B 290 -12.22 12.99 -24.37
C PRO B 290 -12.83 14.39 -24.55
N ALA B 291 -13.46 14.66 -25.70
CA ALA B 291 -14.05 15.96 -26.05
C ALA B 291 -14.95 16.54 -24.95
N GLU B 292 -15.85 15.69 -24.37
CA GLU B 292 -16.79 16.12 -23.32
C GLU B 292 -16.10 16.47 -21.99
N MET B 293 -14.88 15.95 -21.74
CA MET B 293 -14.09 16.27 -20.54
C MET B 293 -13.42 17.62 -20.72
N TYR B 294 -12.97 17.93 -21.97
CA TYR B 294 -12.39 19.24 -22.32
C TYR B 294 -13.47 20.32 -22.27
N ASP B 295 -14.73 19.96 -22.64
CA ASP B 295 -15.89 20.86 -22.58
C ASP B 295 -16.16 21.28 -21.12
N ILE B 296 -15.97 20.35 -20.14
CA ILE B 296 -16.09 20.67 -18.72
C ILE B 296 -14.99 21.67 -18.32
N MET B 297 -13.71 21.42 -18.68
CA MET B 297 -12.57 22.31 -18.41
C MET B 297 -12.83 23.75 -18.86
N LYS B 298 -13.33 23.93 -20.11
CA LYS B 298 -13.63 25.26 -20.67
C LYS B 298 -14.64 26.03 -19.82
N THR B 299 -15.72 25.37 -19.35
CA THR B 299 -16.75 25.99 -18.51
C THR B 299 -16.22 26.32 -17.10
N CYS B 300 -15.34 25.44 -16.52
CA CYS B 300 -14.70 25.68 -15.20
C CYS B 300 -13.85 26.96 -15.27
N TRP B 301 -13.28 27.25 -16.48
CA TRP B 301 -12.38 28.38 -16.71
C TRP B 301 -13.08 29.63 -17.25
N ASP B 302 -14.41 29.73 -17.07
CA ASP B 302 -15.11 30.92 -17.52
C ASP B 302 -14.68 32.11 -16.64
N ALA B 303 -14.45 33.30 -17.25
CA ALA B 303 -14.08 34.52 -16.50
C ALA B 303 -15.20 34.94 -15.53
N ASP B 304 -16.46 34.65 -15.87
CA ASP B 304 -17.61 34.91 -15.01
C ASP B 304 -17.86 33.68 -14.10
N PRO B 305 -17.68 33.83 -12.76
CA PRO B 305 -17.90 32.69 -11.84
C PRO B 305 -19.32 32.12 -11.86
N ASP B 306 -20.31 32.96 -12.22
CA ASP B 306 -21.72 32.58 -12.32
C ASP B 306 -22.01 31.67 -13.52
N LYS B 307 -21.12 31.69 -14.53
CA LYS B 307 -21.24 30.86 -15.73
C LYS B 307 -20.56 29.48 -15.60
N ARG B 308 -19.80 29.27 -14.51
CA ARG B 308 -19.12 28.00 -14.23
C ARG B 308 -20.15 26.97 -13.71
N PRO B 309 -19.96 25.64 -13.96
CA PRO B 309 -20.93 24.67 -13.40
C PRO B 309 -20.69 24.45 -11.90
N THR B 310 -21.64 23.83 -11.19
CA THR B 310 -21.48 23.48 -9.77
C THR B 310 -20.86 22.08 -9.77
N PHE B 311 -20.28 21.60 -8.63
CA PHE B 311 -19.74 20.24 -8.59
C PHE B 311 -20.85 19.20 -8.81
N LYS B 312 -22.09 19.54 -8.41
CA LYS B 312 -23.35 18.78 -8.53
C LYS B 312 -23.72 18.54 -10.01
N GLN B 313 -23.54 19.58 -10.85
CA GLN B 313 -23.75 19.55 -12.30
C GLN B 313 -22.61 18.73 -12.97
N ILE B 314 -21.35 18.89 -12.50
CA ILE B 314 -20.17 18.14 -13.01
C ILE B 314 -20.40 16.62 -12.82
N VAL B 315 -20.83 16.22 -11.60
CA VAL B 315 -21.12 14.83 -11.23
C VAL B 315 -22.13 14.20 -12.23
N GLN B 316 -23.25 14.91 -12.50
CA GLN B 316 -24.30 14.45 -13.42
C GLN B 316 -23.80 14.33 -14.88
N ASP B 317 -22.98 15.29 -15.31
CA ASP B 317 -22.38 15.33 -16.63
C ASP B 317 -21.42 14.14 -16.85
N ILE B 318 -20.53 13.85 -15.86
CA ILE B 318 -19.57 12.71 -15.94
C ILE B 318 -20.31 11.37 -15.88
N GLU B 319 -21.35 11.26 -15.03
CA GLU B 319 -22.20 10.09 -14.86
C GLU B 319 -22.79 9.65 -16.23
N LYS B 320 -23.29 10.63 -17.00
CA LYS B 320 -23.87 10.44 -18.33
C LYS B 320 -22.80 9.99 -19.34
N GLN B 321 -21.51 10.41 -19.16
CA GLN B 321 -20.39 9.99 -20.00
C GLN B 321 -20.01 8.55 -19.67
N ILE B 322 -19.95 8.20 -18.37
CA ILE B 322 -19.62 6.85 -17.88
C ILE B 322 -20.61 5.81 -18.42
N SER B 323 -21.93 6.09 -18.33
CA SER B 323 -22.97 5.16 -18.81
C SER B 323 -22.87 4.92 -20.31
N GLU B 324 -22.63 6.00 -21.10
CA GLU B 324 -22.47 5.97 -22.56
C GLU B 324 -21.22 5.18 -22.98
N SER B 325 -20.14 5.26 -22.18
CA SER B 325 -18.87 4.55 -22.40
C SER B 325 -18.98 3.10 -21.95
C1 F88 C . 2.05 -17.87 9.02
C2 F88 C . -0.02 -17.23 7.74
C3 F88 C . -0.98 -17.94 7.02
C7 F88 C . -2.89 -15.72 3.01
C8 F88 C . -4.01 -14.91 2.81
C9 F88 C . -4.07 -14.05 1.73
C10 F88 C . -3.01 -13.98 0.83
C11 F88 C . -1.88 -14.79 1.02
C12 F88 C . -1.83 -15.65 2.10
C13 F88 C . -3.01 -11.76 -0.06
C14 F88 C . -2.81 -10.97 -1.23
C15 F88 C . -2.65 -11.45 -2.55
C16 F88 C . -2.45 -10.58 -3.59
C19 F88 C . -2.77 -9.57 -0.99
C20 F88 C . -3.10 -9.91 1.24
C21 F88 C . -2.32 -6.99 -4.32
C22 F88 C . -2.23 -12.33 -5.22
O F88 C . -0.66 -16.48 4.70
C6 F88 C . -1.83 -16.79 4.96
C5 F88 C . -2.19 -17.43 6.29
C4 F88 C . -0.55 -19.28 7.10
N1 F88 C . 0.55 -19.40 7.81
N F88 C . 0.86 -18.14 8.20
C F88 C . 3.26 -17.58 8.17
N2 F88 C . -2.88 -16.58 4.12
O1 F88 C . -3.05 -13.12 -0.25
N4 F88 C . -3.16 -11.25 1.17
N3 F88 C . -2.93 -9.04 0.26
C18 F88 C . -2.58 -8.69 -2.08
C17 F88 C . -2.42 -9.18 -3.34
O2 F88 C . -2.23 -8.41 -4.45
O3 F88 C . -2.27 -10.93 -4.90
C1 F88 D . -10.68 17.67 3.85
C2 F88 D . -8.70 16.75 5.11
C3 F88 D . -7.64 17.32 5.82
C7 F88 D . -3.35 14.81 5.56
C8 F88 D . -2.91 14.93 4.25
C9 F88 D . -1.96 14.06 3.76
C10 F88 D . -1.44 13.06 4.57
C11 F88 D . -1.87 12.95 5.90
C12 F88 D . -2.83 13.82 6.38
C13 F88 D . -0.78 10.87 3.84
C14 F88 D . 0.18 10.12 3.07
C15 F88 D . 1.39 10.62 2.53
C16 F88 D . 2.22 9.80 1.81
C19 F88 D . -0.18 8.77 2.85
C20 F88 D . -2.12 9.05 4.03
C21 F88 D . 2.50 6.32 0.66
C22 F88 D . 3.73 11.57 1.22
O F88 D . -5.88 15.67 4.44
C6 F88 D . -5.55 15.94 5.59
C5 F88 D . -6.51 16.64 6.54
C4 F88 D . -7.85 18.70 5.69
N1 F88 D . -8.94 18.98 4.99
N F88 D . -9.45 17.78 4.65
C F88 D . -10.36 17.78 2.39
N2 F88 D . -4.34 15.68 6.11
O1 F88 D . -0.47 12.19 4.08
N4 F88 D . -1.91 10.35 4.31
N3 F88 D . -1.35 8.22 3.33
C18 F88 D . 0.68 7.94 2.10
C17 F88 D . 1.85 8.44 1.58
O2 F88 D . 2.75 7.71 0.85
O3 F88 D . 3.40 10.17 1.25
#